data_2D7S
#
_entry.id   2D7S
#
_cell.length_a   95.090
_cell.length_b   95.090
_cell.length_c   100.628
_cell.angle_alpha   90.00
_cell.angle_beta   90.00
_cell.angle_gamma   120.00
#
_symmetry.space_group_name_H-M   'P 32 2 1'
#
loop_
_entity.id
_entity.type
_entity.pdbx_description
1 polymer 'RNA-dependent RNA polymerase'
2 polymer 'VPg1 protein'
#
loop_
_entity_poly.entity_id
_entity_poly.type
_entity_poly.pdbx_seq_one_letter_code
_entity_poly.pdbx_strand_id
1 'polypeptide(L)'
;GLIVDTRDVEERVHVMRKTKLAPTVAHGVFNPEFGPAALSNKDPRLNEGVVLDEVIFSKHKGDTKMSAEDKALFRRCAAD
YASRLHSVLGTANAPLSIYEAIKGVDGLDAMEPDTAPGLPWALQGKRRGALIDFENGTVGPEVEAALKLMEKREYKFACQ
TFLKDEIRPMEKVRAGKTRIVDVLPVEHILYTRMMIGRFCAQMHSNNGPQIGSAVGCNPDVDWQRFGTHFAQYRNVWDVD
YSAFDANHCSDAMNIMFEEVFRTEFGFHPNAEWILKTLVNTEHAYENKRITVEGGMPSGCSATSIINTILNNIYVLYALR
RHYEGVELDTYTMISYGDDIVVASDYDLDFEALKPHFKSLGQTITPADKSDKGFVLGHSITDVTFLKRHFHMDYGTGFYK
PVMASKTLEAILSFARRGTIQEKLISVAGLAVHSGPDEYRRLFEPFQGLFEIPSYRSLYLRWVNAVCGDAAALE
;
A
2 'polypeptide(L)' GPYAGPLERQRPLKVRAKLPRQE B
#
# COMPACT_ATOMS: atom_id res chain seq x y z
N GLY A 1 7.94 -0.19 14.57
CA GLY A 1 7.74 -0.99 15.82
C GLY A 1 8.88 -0.81 16.82
N LEU A 2 9.12 -1.84 17.61
CA LEU A 2 10.17 -1.80 18.61
C LEU A 2 11.28 -2.80 18.37
N ILE A 3 12.51 -2.31 18.38
CA ILE A 3 13.69 -3.16 18.18
C ILE A 3 14.00 -3.74 19.55
N VAL A 4 14.10 -5.06 19.63
CA VAL A 4 14.40 -5.68 20.91
C VAL A 4 15.86 -6.09 20.97
N ASP A 5 16.51 -6.06 19.82
CA ASP A 5 17.90 -6.43 19.76
C ASP A 5 18.52 -6.40 18.36
N THR A 6 19.57 -5.60 18.27
CA THR A 6 20.34 -5.43 17.04
C THR A 6 21.55 -6.33 17.20
N ARG A 7 21.59 -7.42 16.44
CA ARG A 7 22.73 -8.30 16.56
C ARG A 7 23.43 -8.61 15.24
N ASP A 8 24.68 -9.04 15.36
CA ASP A 8 25.53 -9.38 14.22
C ASP A 8 25.86 -10.86 14.33
N VAL A 9 25.42 -11.65 13.36
CA VAL A 9 25.68 -13.08 13.41
C VAL A 9 26.02 -13.67 12.04
N GLU A 10 26.87 -14.70 12.06
CA GLU A 10 27.30 -15.44 10.89
C GLU A 10 27.22 -14.78 9.51
N GLU A 11 26.35 -15.34 8.66
CA GLU A 11 26.17 -14.85 7.28
C GLU A 11 25.93 -13.37 7.06
N ARG A 12 25.86 -13.01 5.79
CA ARG A 12 25.65 -11.62 5.34
C ARG A 12 24.81 -11.64 4.07
N VAL A 13 23.66 -10.96 4.11
CA VAL A 13 22.76 -10.89 2.96
C VAL A 13 23.11 -9.70 2.08
N HIS A 14 23.68 -9.99 0.91
CA HIS A 14 24.08 -8.93 -0.01
C HIS A 14 22.92 -8.26 -0.72
N VAL A 15 22.55 -7.08 -0.22
CA VAL A 15 21.47 -6.30 -0.78
C VAL A 15 22.06 -5.05 -1.40
N MET A 16 23.36 -4.86 -1.16
CA MET A 16 24.10 -3.71 -1.67
C MET A 16 24.08 -3.70 -3.19
N ARG A 17 23.71 -2.57 -3.78
CA ARG A 17 23.66 -2.48 -5.23
C ARG A 17 23.50 -1.08 -5.79
N LYS A 18 23.43 -1.01 -7.11
CA LYS A 18 23.26 0.26 -7.81
C LYS A 18 21.80 0.38 -8.20
N THR A 19 21.45 1.55 -8.73
CA THR A 19 20.08 1.81 -9.16
C THR A 19 20.03 1.52 -10.66
N LYS A 20 18.96 0.89 -11.13
CA LYS A 20 18.85 0.59 -12.55
C LYS A 20 18.03 1.66 -13.28
N LEU A 21 17.47 2.59 -12.50
CA LEU A 21 16.71 3.69 -13.08
C LEU A 21 17.77 4.58 -13.71
N ALA A 22 17.46 5.18 -14.84
CA ALA A 22 18.43 6.05 -15.50
C ALA A 22 17.74 7.22 -16.18
N PRO A 23 18.39 8.39 -16.18
CA PRO A 23 17.87 9.61 -16.79
C PRO A 23 17.47 9.38 -18.23
N THR A 24 16.35 9.95 -18.64
CA THR A 24 15.88 9.82 -20.00
C THR A 24 16.08 11.19 -20.65
N VAL A 25 15.70 11.29 -21.92
CA VAL A 25 15.83 12.55 -22.64
C VAL A 25 14.98 13.62 -21.97
N ALA A 26 13.98 13.18 -21.20
CA ALA A 26 13.06 14.09 -20.52
C ALA A 26 13.74 14.79 -19.34
N HIS A 27 14.61 14.08 -18.65
CA HIS A 27 15.32 14.62 -17.50
C HIS A 27 16.00 15.94 -17.82
N GLY A 28 16.64 16.01 -18.98
CA GLY A 28 17.34 17.22 -19.38
C GLY A 28 16.41 18.31 -19.93
N VAL A 29 15.15 18.27 -19.51
CA VAL A 29 14.16 19.24 -19.96
C VAL A 29 13.33 19.72 -18.78
N PHE A 30 12.97 18.79 -17.90
CA PHE A 30 12.18 19.13 -16.73
C PHE A 30 13.08 19.25 -15.50
N ASN A 31 14.16 18.47 -15.47
CA ASN A 31 15.08 18.49 -14.35
C ASN A 31 14.30 18.49 -13.04
N PRO A 32 13.71 17.35 -12.69
CA PRO A 32 12.91 17.13 -11.48
C PRO A 32 13.69 17.13 -10.17
N GLU A 33 13.04 17.61 -9.11
CA GLU A 33 13.65 17.61 -7.81
C GLU A 33 13.42 16.19 -7.28
N PHE A 34 13.67 15.21 -8.15
CA PHE A 34 13.50 13.81 -7.79
C PHE A 34 14.71 12.99 -8.24
N GLY A 35 14.96 11.88 -7.55
CA GLY A 35 16.08 11.04 -7.89
C GLY A 35 16.04 9.70 -7.19
N PRO A 36 16.79 8.72 -7.70
CA PRO A 36 16.84 7.37 -7.12
C PRO A 36 17.22 7.39 -5.64
N ALA A 37 16.69 6.43 -4.90
CA ALA A 37 16.98 6.33 -3.47
C ALA A 37 18.41 5.82 -3.27
N ALA A 38 19.03 6.23 -2.17
CA ALA A 38 20.40 5.82 -1.86
C ALA A 38 20.44 4.31 -1.64
N LEU A 39 21.21 3.59 -2.45
CA LEU A 39 21.27 2.13 -2.35
C LEU A 39 22.54 1.58 -1.73
N SER A 40 23.54 2.44 -1.66
CA SER A 40 24.83 2.10 -1.07
C SER A 40 25.03 3.02 0.12
N ASN A 41 25.42 2.48 1.27
CA ASN A 41 25.63 3.31 2.45
C ASN A 41 26.71 4.36 2.24
N LYS A 42 27.28 4.40 1.03
CA LYS A 42 28.32 5.36 0.69
C LYS A 42 28.01 6.08 -0.62
N ASP A 43 26.71 6.31 -0.84
CA ASP A 43 26.25 6.97 -2.05
C ASP A 43 26.73 8.42 -2.09
N PRO A 44 27.40 8.81 -3.18
CA PRO A 44 27.95 10.15 -3.38
C PRO A 44 27.05 11.34 -3.02
N ARG A 45 25.73 11.14 -3.00
CA ARG A 45 24.81 12.23 -2.67
C ARG A 45 24.25 12.26 -1.25
N LEU A 46 24.54 11.22 -0.47
CA LEU A 46 24.07 11.16 0.92
C LEU A 46 24.37 12.50 1.56
N ASN A 47 23.34 13.19 2.09
CA ASN A 47 23.59 14.48 2.74
C ASN A 47 24.72 14.22 3.73
N GLU A 48 25.77 15.03 3.62
CA GLU A 48 26.96 14.91 4.45
C GLU A 48 26.88 14.09 5.74
N GLY A 49 27.73 13.07 5.81
CA GLY A 49 27.85 12.21 6.99
C GLY A 49 26.75 11.31 7.54
N VAL A 50 25.57 11.27 6.93
CA VAL A 50 24.51 10.41 7.47
C VAL A 50 24.62 8.97 7.00
N VAL A 51 24.39 8.03 7.91
CA VAL A 51 24.47 6.61 7.59
C VAL A 51 23.15 6.15 6.98
N LEU A 52 23.22 5.18 6.08
CA LEU A 52 22.02 4.66 5.44
C LEU A 52 21.25 3.83 6.45
N ASP A 53 21.92 2.82 7.00
CA ASP A 53 21.34 1.92 7.99
C ASP A 53 20.67 2.69 9.13
N GLU A 54 21.38 3.70 9.63
CA GLU A 54 20.91 4.54 10.72
C GLU A 54 19.51 5.06 10.42
N VAL A 55 19.37 5.70 9.26
CA VAL A 55 18.09 6.27 8.83
C VAL A 55 17.00 5.25 8.57
N ILE A 56 17.29 4.30 7.68
CA ILE A 56 16.35 3.26 7.30
C ILE A 56 15.53 2.63 8.42
N PHE A 57 16.19 2.19 9.49
CA PHE A 57 15.47 1.55 10.58
C PHE A 57 15.01 2.52 11.66
N SER A 58 15.15 3.81 11.40
CA SER A 58 14.75 4.82 12.37
C SER A 58 13.25 5.10 12.38
N LYS A 59 12.48 4.25 11.70
CA LYS A 59 11.04 4.43 11.66
C LYS A 59 10.42 3.65 12.81
N HIS A 60 11.22 2.75 13.38
CA HIS A 60 10.78 1.93 14.50
C HIS A 60 11.07 2.69 15.79
N LYS A 61 10.28 3.73 16.02
CA LYS A 61 10.43 4.58 17.20
C LYS A 61 9.87 3.93 18.45
N GLY A 62 9.43 2.69 18.33
CA GLY A 62 8.88 1.99 19.47
C GLY A 62 7.57 1.28 19.19
N ASP A 63 6.94 0.77 20.24
CA ASP A 63 5.67 0.06 20.11
C ASP A 63 4.69 0.42 21.23
N THR A 64 3.81 1.37 20.93
CA THR A 64 2.80 1.83 21.87
C THR A 64 2.00 0.72 22.54
N LYS A 65 1.97 0.71 23.86
CA LYS A 65 1.21 -0.28 24.62
C LYS A 65 -0.07 0.41 25.06
N MET A 66 -1.18 -0.33 25.06
CA MET A 66 -2.46 0.29 25.38
C MET A 66 -3.10 -0.05 26.71
N SER A 67 -3.95 0.87 27.17
CA SER A 67 -4.69 0.73 28.42
C SER A 67 -5.81 -0.28 28.21
N ALA A 68 -6.02 -1.15 29.20
CA ALA A 68 -7.06 -2.16 29.12
C ALA A 68 -8.38 -1.59 28.59
N GLU A 69 -8.62 -0.31 28.83
CA GLU A 69 -9.84 0.33 28.37
C GLU A 69 -9.73 0.67 26.89
N ASP A 70 -8.64 1.31 26.49
CA ASP A 70 -8.45 1.65 25.07
C ASP A 70 -8.46 0.37 24.26
N LYS A 71 -7.94 -0.71 24.84
CA LYS A 71 -7.94 -2.00 24.16
C LYS A 71 -9.38 -2.42 23.89
N ALA A 72 -10.18 -2.47 24.95
CA ALA A 72 -11.58 -2.86 24.89
C ALA A 72 -12.36 -2.01 23.89
N LEU A 73 -11.96 -0.75 23.74
CA LEU A 73 -12.62 0.16 22.81
C LEU A 73 -12.28 -0.24 21.39
N PHE A 74 -11.01 -0.58 21.16
CA PHE A 74 -10.53 -1.00 19.86
C PHE A 74 -11.25 -2.30 19.49
N ARG A 75 -11.25 -3.24 20.43
CA ARG A 75 -11.90 -4.53 20.22
C ARG A 75 -13.38 -4.35 19.92
N ARG A 76 -13.95 -3.23 20.37
CA ARG A 76 -15.35 -2.93 20.10
C ARG A 76 -15.46 -2.33 18.71
N CYS A 77 -14.49 -1.49 18.37
CA CYS A 77 -14.46 -0.85 17.06
C CYS A 77 -14.18 -1.88 15.98
N ALA A 78 -13.47 -2.94 16.36
CA ALA A 78 -13.14 -4.01 15.43
C ALA A 78 -14.37 -4.89 15.25
N ALA A 79 -14.98 -5.29 16.36
CA ALA A 79 -16.16 -6.13 16.35
C ALA A 79 -17.31 -5.48 15.59
N ASP A 80 -17.25 -4.16 15.46
CA ASP A 80 -18.29 -3.41 14.76
C ASP A 80 -17.99 -3.30 13.26
N TYR A 81 -16.75 -2.99 12.94
CA TYR A 81 -16.32 -2.86 11.54
C TYR A 81 -16.28 -4.24 10.91
N ALA A 82 -15.60 -5.16 11.59
CA ALA A 82 -15.48 -6.53 11.11
C ALA A 82 -16.88 -7.10 10.86
N SER A 83 -17.87 -6.51 11.53
CA SER A 83 -19.25 -6.95 11.39
C SER A 83 -19.81 -6.45 10.07
N ARG A 84 -19.85 -5.14 9.91
CA ARG A 84 -20.37 -4.53 8.71
C ARG A 84 -19.57 -4.92 7.47
N LEU A 85 -18.40 -5.52 7.69
CA LEU A 85 -17.55 -5.95 6.58
C LEU A 85 -18.10 -7.25 6.03
N HIS A 86 -17.92 -8.32 6.80
CA HIS A 86 -18.38 -9.66 6.44
C HIS A 86 -19.88 -9.67 6.13
N SER A 87 -20.63 -8.79 6.77
CA SER A 87 -22.07 -8.72 6.56
C SER A 87 -22.37 -8.29 5.13
N VAL A 88 -21.34 -7.81 4.44
CA VAL A 88 -21.49 -7.36 3.06
C VAL A 88 -20.66 -8.25 2.14
N LEU A 89 -19.71 -8.96 2.70
CA LEU A 89 -18.86 -9.85 1.93
C LEU A 89 -19.35 -11.29 2.05
N GLY A 90 -20.32 -11.50 2.93
CA GLY A 90 -20.85 -12.82 3.16
C GLY A 90 -19.81 -13.57 3.95
N THR A 91 -20.08 -14.81 4.33
CA THR A 91 -19.13 -15.59 5.11
C THR A 91 -18.40 -16.54 4.17
N ALA A 92 -18.40 -16.18 2.88
CA ALA A 92 -17.76 -16.98 1.86
C ALA A 92 -16.25 -16.87 2.03
N ASN A 93 -15.80 -16.65 3.25
CA ASN A 93 -14.37 -16.51 3.53
C ASN A 93 -13.67 -17.81 3.93
N ALA A 94 -14.12 -18.93 3.36
CA ALA A 94 -13.53 -20.22 3.66
C ALA A 94 -12.10 -20.27 3.12
N PRO A 95 -11.37 -21.35 3.41
CA PRO A 95 -9.98 -21.50 2.94
C PRO A 95 -9.85 -21.74 1.43
N LEU A 96 -8.62 -21.83 0.96
CA LEU A 96 -8.36 -22.06 -0.46
C LEU A 96 -7.57 -23.35 -0.69
N SER A 97 -7.96 -24.11 -1.71
CA SER A 97 -7.27 -25.35 -2.03
C SER A 97 -5.92 -24.91 -2.57
N ILE A 98 -4.87 -25.68 -2.28
CA ILE A 98 -3.52 -25.34 -2.75
C ILE A 98 -3.55 -24.68 -4.11
N TYR A 99 -4.15 -25.37 -5.08
CA TYR A 99 -4.24 -24.89 -6.45
C TYR A 99 -4.67 -23.44 -6.58
N GLU A 100 -5.77 -23.08 -5.95
CA GLU A 100 -6.28 -21.72 -5.97
C GLU A 100 -5.28 -20.74 -5.37
N ALA A 101 -4.64 -21.15 -4.29
CA ALA A 101 -3.66 -20.30 -3.61
C ALA A 101 -2.42 -20.10 -4.46
N ILE A 102 -2.52 -20.46 -5.73
CA ILE A 102 -1.39 -20.31 -6.62
C ILE A 102 -1.84 -19.64 -7.91
N LYS A 103 -2.98 -20.08 -8.42
CA LYS A 103 -3.56 -19.55 -9.65
C LYS A 103 -4.63 -18.49 -9.39
N GLY A 104 -4.91 -18.23 -8.12
CA GLY A 104 -5.91 -17.24 -7.77
C GLY A 104 -7.31 -17.60 -8.25
N VAL A 105 -8.29 -16.86 -7.74
CA VAL A 105 -9.71 -17.09 -8.06
C VAL A 105 -10.35 -15.84 -8.67
N ASP A 106 -11.68 -15.87 -8.80
CA ASP A 106 -12.38 -14.72 -9.36
C ASP A 106 -12.12 -13.55 -8.44
N GLY A 107 -11.17 -12.72 -8.83
CA GLY A 107 -10.78 -11.56 -8.05
C GLY A 107 -9.29 -11.60 -7.79
N LEU A 108 -8.91 -12.29 -6.71
CA LEU A 108 -7.51 -12.44 -6.34
C LEU A 108 -6.64 -12.81 -7.54
N ASP A 109 -5.59 -12.04 -7.79
CA ASP A 109 -4.69 -12.35 -8.91
C ASP A 109 -3.85 -13.57 -8.57
N ALA A 110 -3.32 -14.23 -9.59
CA ALA A 110 -2.49 -15.41 -9.38
C ALA A 110 -1.16 -15.01 -8.75
N MET A 111 -0.64 -15.86 -7.87
CA MET A 111 0.63 -15.57 -7.20
C MET A 111 1.67 -15.12 -8.21
N GLU A 112 2.66 -14.39 -7.73
CA GLU A 112 3.73 -13.89 -8.58
C GLU A 112 4.64 -15.02 -9.05
N PRO A 113 4.66 -15.26 -10.36
CA PRO A 113 5.47 -16.29 -11.03
C PRO A 113 6.87 -16.52 -10.47
N ASP A 114 7.61 -15.43 -10.25
CA ASP A 114 8.97 -15.58 -9.73
C ASP A 114 9.62 -14.27 -9.31
N THR A 115 9.60 -14.01 -8.01
CA THR A 115 10.18 -12.80 -7.46
C THR A 115 10.67 -13.06 -6.03
N ALA A 116 11.94 -12.76 -5.79
CA ALA A 116 12.57 -12.94 -4.48
C ALA A 116 11.86 -13.96 -3.57
N PRO A 117 12.40 -15.19 -3.49
CA PRO A 117 11.84 -16.27 -2.66
C PRO A 117 11.99 -16.05 -1.16
N GLY A 118 12.95 -15.21 -0.77
CA GLY A 118 13.19 -14.91 0.63
C GLY A 118 14.18 -15.84 1.33
N LEU A 119 14.02 -15.97 2.64
CA LEU A 119 14.88 -16.84 3.45
C LEU A 119 14.15 -18.14 3.74
N PRO A 120 14.87 -19.27 3.80
CA PRO A 120 16.32 -19.39 3.61
C PRO A 120 16.71 -19.77 2.18
N TRP A 121 15.76 -19.60 1.27
CA TRP A 121 15.92 -19.95 -0.14
C TRP A 121 17.00 -19.16 -0.87
N ALA A 122 17.44 -18.05 -0.30
CA ALA A 122 18.46 -17.21 -0.94
C ALA A 122 19.85 -17.47 -0.39
N LEU A 123 19.93 -17.81 0.89
CA LEU A 123 21.21 -18.15 1.52
C LEU A 123 21.41 -19.58 1.08
N GLN A 124 20.80 -19.91 -0.06
CA GLN A 124 20.83 -21.25 -0.62
C GLN A 124 20.82 -21.18 -2.14
N GLY A 125 20.55 -19.99 -2.66
CA GLY A 125 20.54 -19.75 -4.09
C GLY A 125 19.58 -20.52 -4.99
N LYS A 126 18.42 -19.91 -5.27
CA LYS A 126 17.42 -20.50 -6.15
C LYS A 126 16.08 -19.76 -6.17
N ARG A 127 15.40 -19.85 -7.31
CA ARG A 127 14.10 -19.20 -7.54
C ARG A 127 12.89 -19.88 -6.91
N ARG A 128 11.74 -19.23 -7.06
CA ARG A 128 10.46 -19.75 -6.55
C ARG A 128 10.04 -20.87 -7.50
N GLY A 129 10.29 -20.67 -8.79
CA GLY A 129 9.95 -21.70 -9.76
C GLY A 129 10.82 -22.91 -9.49
N ALA A 130 11.94 -22.66 -8.81
CA ALA A 130 12.89 -23.70 -8.44
C ALA A 130 12.52 -24.32 -7.10
N LEU A 131 11.24 -24.25 -6.76
CA LEU A 131 10.72 -24.81 -5.51
C LEU A 131 9.25 -25.17 -5.69
N ILE A 132 8.51 -24.26 -6.30
CA ILE A 132 7.09 -24.45 -6.56
C ILE A 132 6.88 -24.39 -8.06
N ASP A 133 6.07 -25.30 -8.59
CA ASP A 133 5.80 -25.27 -10.02
C ASP A 133 4.65 -24.31 -10.25
N PHE A 134 5.02 -23.06 -10.56
CA PHE A 134 4.03 -22.01 -10.79
C PHE A 134 3.14 -22.27 -11.99
N GLU A 135 3.70 -22.88 -13.03
CA GLU A 135 2.94 -23.18 -14.22
C GLU A 135 1.87 -24.21 -13.87
N ASN A 136 2.28 -25.18 -13.05
CA ASN A 136 1.41 -26.27 -12.60
C ASN A 136 0.28 -25.85 -11.67
N GLY A 137 0.62 -25.69 -10.39
CA GLY A 137 -0.38 -25.27 -9.41
C GLY A 137 -0.24 -25.94 -8.05
N THR A 138 0.90 -26.58 -7.81
CA THR A 138 1.15 -27.25 -6.54
C THR A 138 2.53 -27.00 -5.96
N VAL A 139 2.74 -27.49 -4.74
CA VAL A 139 3.99 -27.34 -3.96
C VAL A 139 5.33 -27.76 -4.56
N GLY A 140 6.15 -28.39 -3.70
CA GLY A 140 7.47 -28.87 -4.06
C GLY A 140 8.21 -29.44 -2.84
N PRO A 141 9.44 -29.95 -3.01
CA PRO A 141 10.27 -30.53 -1.94
C PRO A 141 10.10 -29.95 -0.53
N GLU A 142 10.79 -28.85 -0.24
CA GLU A 142 10.69 -28.23 1.09
C GLU A 142 9.38 -27.48 1.27
N VAL A 143 8.70 -27.22 0.17
CA VAL A 143 7.44 -26.48 0.20
C VAL A 143 6.32 -27.17 0.97
N GLU A 144 6.01 -28.41 0.62
CA GLU A 144 4.95 -29.13 1.33
C GLU A 144 5.36 -29.43 2.77
N ALA A 145 6.66 -29.47 3.01
CA ALA A 145 7.20 -29.70 4.36
C ALA A 145 6.83 -28.50 5.21
N ALA A 146 7.32 -27.34 4.81
CA ALA A 146 7.05 -26.08 5.51
C ALA A 146 5.55 -25.97 5.66
N LEU A 147 4.85 -26.37 4.61
CA LEU A 147 3.41 -26.36 4.56
C LEU A 147 2.79 -27.13 5.74
N LYS A 148 3.41 -28.26 6.11
CA LYS A 148 2.89 -29.04 7.22
C LYS A 148 3.38 -28.52 8.58
N LEU A 149 4.63 -28.06 8.65
CA LEU A 149 5.15 -27.51 9.91
C LEU A 149 4.23 -26.35 10.26
N MET A 150 3.68 -25.73 9.22
CA MET A 150 2.75 -24.62 9.37
C MET A 150 1.41 -25.19 9.78
N GLU A 151 0.98 -26.21 9.05
CA GLU A 151 -0.30 -26.84 9.34
C GLU A 151 -0.39 -27.26 10.80
N LYS A 152 0.71 -27.77 11.35
CA LYS A 152 0.73 -28.20 12.75
C LYS A 152 0.98 -27.02 13.72
N ARG A 153 1.32 -25.86 13.18
CA ARG A 153 1.58 -24.65 13.97
C ARG A 153 3.03 -24.55 14.47
N GLU A 154 3.90 -25.40 13.96
CA GLU A 154 5.30 -25.42 14.38
C GLU A 154 6.14 -24.33 13.71
N TYR A 155 5.80 -24.02 12.47
CA TYR A 155 6.52 -23.04 11.67
C TYR A 155 6.89 -21.70 12.31
N LYS A 156 8.06 -21.23 11.92
CA LYS A 156 8.65 -19.97 12.35
C LYS A 156 9.57 -19.51 11.22
N PHE A 157 9.64 -18.21 10.98
CA PHE A 157 10.47 -17.74 9.88
C PHE A 157 11.32 -16.53 10.18
N ALA A 158 11.80 -15.91 9.10
CA ALA A 158 12.64 -14.73 9.15
C ALA A 158 12.31 -13.87 7.95
N CYS A 159 12.26 -12.56 8.14
CA CYS A 159 11.95 -11.65 7.05
C CYS A 159 13.18 -11.17 6.31
N GLN A 160 13.21 -11.32 5.00
CA GLN A 160 14.35 -10.82 4.25
C GLN A 160 14.11 -9.33 4.16
N THR A 161 15.16 -8.55 3.99
CA THR A 161 14.98 -7.11 3.89
C THR A 161 15.59 -6.52 2.62
N PHE A 162 14.73 -5.98 1.77
CA PHE A 162 15.16 -5.38 0.53
C PHE A 162 15.21 -3.87 0.59
N LEU A 163 15.77 -3.28 -0.46
CA LEU A 163 15.91 -1.84 -0.61
C LEU A 163 15.04 -1.43 -1.81
N LYS A 164 14.31 -0.34 -1.66
CA LYS A 164 13.41 0.13 -2.70
C LYS A 164 14.09 0.96 -3.78
N ASP A 165 14.41 0.32 -4.91
CA ASP A 165 15.03 1.02 -6.02
C ASP A 165 13.92 1.82 -6.69
N GLU A 166 13.72 3.04 -6.22
CA GLU A 166 12.65 3.89 -6.76
C GLU A 166 13.02 5.37 -6.78
N ILE A 167 12.18 6.15 -7.46
CA ILE A 167 12.40 7.59 -7.56
C ILE A 167 11.83 8.23 -6.30
N ARG A 168 12.53 9.22 -5.75
CA ARG A 168 12.07 9.92 -4.56
C ARG A 168 12.43 11.39 -4.68
N PRO A 169 11.76 12.25 -3.91
CA PRO A 169 12.06 13.68 -3.98
C PRO A 169 13.50 13.90 -3.49
N MET A 170 14.26 14.64 -4.28
CA MET A 170 15.67 14.92 -3.96
C MET A 170 15.96 15.19 -2.49
N GLU A 171 15.01 15.76 -1.77
CA GLU A 171 15.22 16.03 -0.36
C GLU A 171 15.38 14.69 0.36
N LYS A 172 14.32 13.90 0.36
CA LYS A 172 14.32 12.60 1.00
C LYS A 172 15.47 11.74 0.48
N VAL A 173 15.86 11.99 -0.77
CA VAL A 173 16.95 11.22 -1.38
C VAL A 173 18.23 11.45 -0.59
N ARG A 174 18.59 12.71 -0.39
CA ARG A 174 19.80 13.07 0.35
C ARG A 174 19.69 12.71 1.83
N ALA A 175 18.47 12.79 2.37
CA ALA A 175 18.25 12.47 3.77
C ALA A 175 18.49 10.97 3.98
N GLY A 176 18.59 10.24 2.88
CA GLY A 176 18.81 8.81 2.94
C GLY A 176 17.56 8.06 3.37
N LYS A 177 16.41 8.54 2.93
CA LYS A 177 15.14 7.91 3.29
C LYS A 177 14.73 6.79 2.34
N THR A 178 15.68 5.96 1.94
CA THR A 178 15.38 4.85 1.05
C THR A 178 14.46 3.89 1.78
N ARG A 179 13.32 3.56 1.17
CA ARG A 179 12.37 2.65 1.80
C ARG A 179 12.82 1.20 1.67
N ILE A 180 12.47 0.39 2.66
CA ILE A 180 12.82 -1.02 2.66
C ILE A 180 11.60 -1.90 2.49
N VAL A 181 11.80 -3.09 1.94
CA VAL A 181 10.71 -4.03 1.72
C VAL A 181 10.99 -5.41 2.29
N ASP A 182 10.35 -5.71 3.41
CA ASP A 182 10.50 -6.99 4.09
C ASP A 182 9.88 -8.09 3.22
N VAL A 183 10.70 -8.78 2.43
CA VAL A 183 10.22 -9.87 1.57
C VAL A 183 10.32 -11.20 2.31
N LEU A 184 9.16 -11.72 2.69
CA LEU A 184 9.04 -12.98 3.44
C LEU A 184 9.15 -14.29 2.66
N PRO A 185 9.51 -15.38 3.36
CA PRO A 185 9.63 -16.68 2.71
C PRO A 185 8.30 -16.98 2.01
N VAL A 186 8.36 -17.19 0.70
CA VAL A 186 7.18 -17.45 -0.13
C VAL A 186 6.17 -18.50 0.35
N GLU A 187 6.54 -19.36 1.29
CA GLU A 187 5.56 -20.36 1.75
C GLU A 187 4.58 -19.67 2.68
N HIS A 188 5.08 -18.70 3.44
CA HIS A 188 4.26 -17.95 4.37
C HIS A 188 3.17 -17.23 3.58
N ILE A 189 3.57 -16.64 2.46
CA ILE A 189 2.64 -15.92 1.59
C ILE A 189 1.57 -16.87 1.08
N LEU A 190 1.99 -18.06 0.68
CA LEU A 190 1.10 -19.06 0.14
C LEU A 190 0.02 -19.45 1.15
N TYR A 191 0.45 -19.81 2.36
CA TYR A 191 -0.48 -20.21 3.41
C TYR A 191 -1.37 -19.06 3.85
N THR A 192 -0.88 -17.84 3.72
CA THR A 192 -1.67 -16.68 4.11
C THR A 192 -2.92 -16.59 3.25
N ARG A 193 -2.76 -16.57 1.94
CA ARG A 193 -3.90 -16.48 1.03
C ARG A 193 -4.71 -17.78 1.04
N MET A 194 -4.12 -18.85 1.58
CA MET A 194 -4.83 -20.11 1.68
C MET A 194 -5.82 -19.95 2.82
N MET A 195 -5.45 -19.10 3.77
CA MET A 195 -6.24 -18.83 4.94
C MET A 195 -7.29 -17.75 4.68
N ILE A 196 -6.87 -16.66 4.06
CA ILE A 196 -7.77 -15.54 3.77
C ILE A 196 -7.78 -15.07 2.33
N GLY A 197 -7.29 -15.89 1.42
CA GLY A 197 -7.28 -15.50 0.01
C GLY A 197 -8.69 -15.32 -0.50
N ARG A 198 -9.63 -16.05 0.08
CA ARG A 198 -11.03 -15.98 -0.31
C ARG A 198 -11.64 -14.70 0.27
N PHE A 199 -11.17 -14.31 1.45
CA PHE A 199 -11.64 -13.09 2.10
C PHE A 199 -11.17 -11.91 1.26
N CYS A 200 -9.90 -11.98 0.84
CA CYS A 200 -9.29 -10.95 0.01
C CYS A 200 -9.98 -10.87 -1.34
N ALA A 201 -10.40 -12.02 -1.86
CA ALA A 201 -11.08 -12.06 -3.15
C ALA A 201 -12.31 -11.16 -3.12
N GLN A 202 -13.17 -11.36 -2.13
CA GLN A 202 -14.38 -10.56 -1.98
C GLN A 202 -14.02 -9.11 -1.69
N MET A 203 -12.97 -8.91 -0.92
CA MET A 203 -12.51 -7.57 -0.58
C MET A 203 -12.33 -6.78 -1.87
N HIS A 204 -11.50 -7.31 -2.78
CA HIS A 204 -11.23 -6.66 -4.04
C HIS A 204 -12.51 -6.38 -4.84
N SER A 205 -13.37 -7.40 -4.92
CA SER A 205 -14.63 -7.32 -5.66
C SER A 205 -15.59 -6.23 -5.20
N ASN A 206 -15.66 -5.99 -3.90
CA ASN A 206 -16.59 -4.99 -3.37
C ASN A 206 -15.96 -3.70 -2.86
N ASN A 207 -14.79 -3.33 -3.38
CA ASN A 207 -14.12 -2.12 -2.94
C ASN A 207 -15.02 -0.89 -3.10
N GLY A 208 -15.02 -0.02 -2.09
CA GLY A 208 -15.84 1.17 -2.15
C GLY A 208 -16.05 1.83 -0.80
N PRO A 209 -16.71 3.00 -0.76
CA PRO A 209 -16.98 3.71 0.49
C PRO A 209 -17.72 2.87 1.50
N GLN A 210 -18.25 1.73 1.05
CA GLN A 210 -18.99 0.84 1.93
C GLN A 210 -18.01 0.21 2.91
N ILE A 211 -17.38 -0.87 2.49
CA ILE A 211 -16.39 -1.58 3.30
C ILE A 211 -15.19 -0.68 3.57
N GLY A 212 -15.19 0.48 2.90
CA GLY A 212 -14.11 1.44 3.08
C GLY A 212 -12.76 1.00 2.55
N SER A 213 -12.76 0.13 1.54
CA SER A 213 -11.53 -0.37 0.94
C SER A 213 -11.41 0.07 -0.51
N ALA A 214 -10.18 0.36 -0.94
CA ALA A 214 -9.90 0.78 -2.29
C ALA A 214 -9.06 -0.27 -2.99
N VAL A 215 -8.65 -1.27 -2.23
CA VAL A 215 -7.82 -2.34 -2.77
C VAL A 215 -8.60 -3.11 -3.84
N GLY A 216 -7.96 -3.29 -4.99
CA GLY A 216 -8.57 -4.01 -6.09
C GLY A 216 -9.28 -3.13 -7.11
N CYS A 217 -9.33 -1.82 -6.83
CA CYS A 217 -9.99 -0.90 -7.75
C CYS A 217 -9.11 -0.51 -8.93
N ASN A 218 -9.77 0.04 -9.94
CA ASN A 218 -9.10 0.51 -11.15
C ASN A 218 -9.38 2.01 -11.19
N PRO A 219 -8.54 2.79 -10.52
CA PRO A 219 -8.68 4.26 -10.45
C PRO A 219 -9.15 4.96 -11.70
N ASP A 220 -8.83 4.40 -12.86
CA ASP A 220 -9.22 5.00 -14.12
C ASP A 220 -10.73 5.09 -14.36
N VAL A 221 -11.49 4.17 -13.78
CA VAL A 221 -12.94 4.18 -13.95
C VAL A 221 -13.69 4.31 -12.64
N ASP A 222 -13.12 3.77 -11.57
CA ASP A 222 -13.76 3.83 -10.27
C ASP A 222 -13.73 5.24 -9.70
N TRP A 223 -13.09 6.15 -10.44
CA TRP A 223 -12.99 7.53 -9.98
C TRP A 223 -14.33 8.25 -10.09
N GLN A 224 -15.20 7.74 -10.97
CA GLN A 224 -16.52 8.32 -11.15
C GLN A 224 -17.32 7.85 -9.94
N ARG A 225 -17.32 6.55 -9.74
CA ARG A 225 -18.01 5.93 -8.62
C ARG A 225 -17.66 6.68 -7.34
N PHE A 226 -16.38 6.69 -7.00
CA PHE A 226 -15.91 7.38 -5.80
C PHE A 226 -16.30 8.85 -5.78
N GLY A 227 -15.89 9.58 -6.82
CA GLY A 227 -16.17 10.99 -6.92
C GLY A 227 -17.57 11.44 -6.54
N THR A 228 -18.57 10.79 -7.11
CA THR A 228 -19.96 11.13 -6.82
C THR A 228 -20.30 10.94 -5.36
N HIS A 229 -19.97 9.77 -4.81
CA HIS A 229 -20.25 9.46 -3.42
C HIS A 229 -19.73 10.52 -2.45
N PHE A 230 -18.51 11.00 -2.66
CA PHE A 230 -17.92 12.01 -1.79
C PHE A 230 -18.24 13.44 -2.17
N ALA A 231 -19.29 13.61 -2.98
CA ALA A 231 -19.72 14.94 -3.40
C ALA A 231 -20.93 15.36 -2.57
N GLN A 232 -21.45 14.44 -1.77
CA GLN A 232 -22.61 14.70 -0.92
C GLN A 232 -22.27 15.37 0.41
N TYR A 233 -21.14 14.97 0.98
CA TYR A 233 -20.71 15.47 2.28
C TYR A 233 -20.19 16.89 2.44
N ARG A 234 -20.35 17.37 3.66
CA ARG A 234 -19.95 18.70 4.10
C ARG A 234 -18.44 18.87 4.13
N ASN A 235 -17.79 17.98 4.89
CA ASN A 235 -16.35 18.02 5.06
C ASN A 235 -15.63 16.79 4.52
N VAL A 236 -14.46 17.03 3.95
CA VAL A 236 -13.62 15.98 3.39
C VAL A 236 -12.20 16.18 3.89
N TRP A 237 -11.63 15.14 4.50
CA TRP A 237 -10.28 15.21 5.03
C TRP A 237 -9.30 14.37 4.21
N ASP A 238 -8.06 14.83 4.16
CA ASP A 238 -6.99 14.17 3.42
C ASP A 238 -5.90 13.85 4.46
N VAL A 239 -6.21 12.92 5.35
CA VAL A 239 -5.29 12.54 6.43
C VAL A 239 -3.94 11.98 5.97
N ASP A 240 -2.90 12.21 6.77
CA ASP A 240 -1.55 11.74 6.45
C ASP A 240 -0.85 11.15 7.67
N TYR A 241 -0.34 9.93 7.53
CA TYR A 241 0.36 9.26 8.62
C TYR A 241 1.87 9.27 8.42
N SER A 242 2.58 8.98 9.49
CA SER A 242 4.04 8.94 9.47
C SER A 242 4.43 7.49 9.73
N ALA A 243 4.83 6.77 8.69
CA ALA A 243 5.21 5.37 8.86
C ALA A 243 4.02 4.62 9.44
N PHE A 244 2.88 4.70 8.77
CA PHE A 244 1.66 4.04 9.18
C PHE A 244 1.91 2.55 9.49
N ASP A 245 2.53 1.86 8.53
CA ASP A 245 2.81 0.44 8.67
C ASP A 245 3.63 0.14 9.92
N ALA A 246 4.83 0.72 9.98
CA ALA A 246 5.74 0.51 11.09
C ALA A 246 5.21 0.83 12.48
N ASN A 247 4.26 1.74 12.60
CA ASN A 247 3.75 2.09 13.92
C ASN A 247 2.48 1.41 14.43
N HIS A 248 2.03 0.34 13.78
CA HIS A 248 0.83 -0.34 14.26
C HIS A 248 1.25 -1.04 15.55
N CYS A 249 0.71 -0.57 16.68
CA CYS A 249 1.06 -1.15 17.97
C CYS A 249 0.65 -2.61 18.10
N SER A 250 1.53 -3.39 18.72
CA SER A 250 1.33 -4.81 18.91
C SER A 250 -0.07 -5.20 19.34
N ASP A 251 -0.62 -4.46 20.30
CA ASP A 251 -1.95 -4.75 20.79
C ASP A 251 -3.04 -4.53 19.74
N ALA A 252 -2.83 -3.52 18.91
CA ALA A 252 -3.81 -3.22 17.86
C ALA A 252 -3.86 -4.36 16.85
N MET A 253 -2.71 -4.72 16.31
CA MET A 253 -2.61 -5.81 15.32
C MET A 253 -3.23 -7.09 15.85
N ASN A 254 -2.79 -7.52 17.02
CA ASN A 254 -3.28 -8.73 17.65
C ASN A 254 -4.78 -8.74 17.87
N ILE A 255 -5.33 -7.59 18.27
CA ILE A 255 -6.77 -7.49 18.53
C ILE A 255 -7.60 -7.38 17.25
N MET A 256 -7.01 -6.81 16.20
CA MET A 256 -7.72 -6.68 14.93
C MET A 256 -7.88 -8.07 14.33
N PHE A 257 -6.77 -8.80 14.25
CA PHE A 257 -6.81 -10.15 13.70
C PHE A 257 -7.85 -10.97 14.44
N GLU A 258 -7.77 -10.94 15.78
CA GLU A 258 -8.69 -11.68 16.61
C GLU A 258 -10.17 -11.42 16.30
N GLU A 259 -10.51 -10.16 16.10
CA GLU A 259 -11.90 -9.79 15.83
C GLU A 259 -12.35 -9.84 14.38
N VAL A 260 -11.42 -9.71 13.44
CA VAL A 260 -11.78 -9.70 12.03
C VAL A 260 -11.62 -11.03 11.28
N PHE A 261 -11.03 -12.04 11.92
CA PHE A 261 -10.87 -13.33 11.25
C PHE A 261 -11.30 -14.52 12.11
N ARG A 262 -12.46 -14.38 12.72
CA ARG A 262 -12.97 -15.44 13.58
C ARG A 262 -13.61 -16.58 12.78
N THR A 263 -13.56 -17.78 13.35
CA THR A 263 -14.16 -18.94 12.72
C THR A 263 -15.67 -18.70 12.71
N GLU A 264 -16.09 -17.76 13.55
CA GLU A 264 -17.50 -17.39 13.64
C GLU A 264 -17.97 -16.88 12.28
N PHE A 265 -17.01 -16.48 11.44
CA PHE A 265 -17.32 -15.93 10.13
C PHE A 265 -17.00 -16.87 8.98
N GLY A 266 -16.46 -18.04 9.31
CA GLY A 266 -16.14 -19.01 8.28
C GLY A 266 -14.66 -19.19 8.01
N PHE A 267 -13.81 -18.49 8.75
CA PHE A 267 -12.37 -18.63 8.54
C PHE A 267 -11.84 -19.89 9.21
N HIS A 268 -10.59 -20.21 8.95
CA HIS A 268 -9.96 -21.37 9.56
C HIS A 268 -9.28 -20.83 10.83
N PRO A 269 -9.27 -21.61 11.92
CA PRO A 269 -8.65 -21.17 13.18
C PRO A 269 -7.14 -20.94 13.12
N ASN A 270 -6.58 -20.97 11.91
CA ASN A 270 -5.15 -20.75 11.69
C ASN A 270 -4.93 -19.52 10.85
N ALA A 271 -5.96 -18.69 10.79
CA ALA A 271 -5.93 -17.44 10.07
C ALA A 271 -5.38 -16.49 11.11
N GLU A 272 -6.02 -16.51 12.27
CA GLU A 272 -5.62 -15.67 13.39
C GLU A 272 -4.16 -15.89 13.73
N TRP A 273 -3.71 -17.14 13.62
CA TRP A 273 -2.33 -17.50 13.92
C TRP A 273 -1.34 -16.96 12.89
N ILE A 274 -1.55 -17.33 11.63
CA ILE A 274 -0.67 -16.91 10.54
C ILE A 274 -0.56 -15.39 10.48
N LEU A 275 -1.58 -14.70 10.97
CA LEU A 275 -1.56 -13.25 10.96
C LEU A 275 -0.83 -12.73 12.19
N LYS A 276 -0.99 -13.41 13.32
CA LYS A 276 -0.32 -13.02 14.55
C LYS A 276 1.19 -13.23 14.42
N THR A 277 1.57 -14.06 13.46
CA THR A 277 2.99 -14.34 13.22
C THR A 277 3.70 -13.12 12.64
N LEU A 278 2.91 -12.19 12.10
CA LEU A 278 3.41 -10.97 11.50
C LEU A 278 3.84 -9.93 12.53
N VAL A 279 3.47 -10.14 13.78
CA VAL A 279 3.81 -9.20 14.85
C VAL A 279 5.29 -9.16 15.20
N ASN A 280 5.80 -10.24 15.78
CA ASN A 280 7.20 -10.34 16.17
C ASN A 280 8.00 -10.88 14.99
N THR A 281 8.77 -10.01 14.35
CA THR A 281 9.55 -10.42 13.18
C THR A 281 11.07 -10.29 13.30
N GLU A 282 11.76 -11.12 12.52
CA GLU A 282 13.21 -11.11 12.47
C GLU A 282 13.61 -10.67 11.06
N HIS A 283 14.39 -9.60 10.99
CA HIS A 283 14.83 -9.05 9.70
C HIS A 283 16.32 -9.21 9.47
N ALA A 284 16.68 -9.73 8.30
CA ALA A 284 18.08 -9.94 7.97
C ALA A 284 18.59 -8.90 6.98
N TYR A 285 19.34 -7.93 7.49
CA TYR A 285 19.93 -6.88 6.65
C TYR A 285 21.42 -7.18 6.57
N GLU A 286 21.85 -7.74 5.43
CA GLU A 286 23.25 -8.10 5.22
C GLU A 286 23.73 -8.98 6.37
N ASN A 287 24.79 -8.59 7.07
CA ASN A 287 25.29 -9.42 8.17
C ASN A 287 24.43 -9.25 9.43
N LYS A 288 23.64 -8.18 9.45
CA LYS A 288 22.78 -7.91 10.58
C LYS A 288 21.49 -8.74 10.54
N ARG A 289 20.99 -9.06 11.73
CA ARG A 289 19.74 -9.81 11.90
C ARG A 289 19.07 -9.23 13.14
N ILE A 290 17.99 -8.51 12.89
CA ILE A 290 17.24 -7.79 13.91
C ILE A 290 15.87 -8.36 14.23
N THR A 291 15.45 -8.20 15.48
CA THR A 291 14.14 -8.65 15.95
C THR A 291 13.26 -7.42 16.16
N VAL A 292 12.16 -7.35 15.40
CA VAL A 292 11.25 -6.20 15.49
C VAL A 292 9.85 -6.53 15.99
N GLU A 293 9.49 -5.99 17.15
CA GLU A 293 8.16 -6.20 17.70
C GLU A 293 7.27 -5.11 17.10
N GLY A 294 5.96 -5.36 17.06
CA GLY A 294 5.03 -4.39 16.53
C GLY A 294 5.26 -3.96 15.08
N GLY A 295 4.33 -3.17 14.55
CA GLY A 295 4.43 -2.70 13.19
C GLY A 295 4.23 -3.86 12.23
N MET A 296 3.67 -3.60 11.06
CA MET A 296 3.45 -4.66 10.09
C MET A 296 4.46 -4.55 8.96
N PRO A 297 5.06 -5.69 8.55
CA PRO A 297 6.07 -5.74 7.49
C PRO A 297 5.51 -5.47 6.09
N SER A 298 5.99 -4.41 5.45
CA SER A 298 5.56 -4.07 4.11
C SER A 298 6.25 -4.98 3.10
N GLY A 299 5.53 -5.99 2.62
CA GLY A 299 6.10 -6.92 1.67
C GLY A 299 5.21 -8.14 1.56
N CYS A 300 4.72 -8.61 2.69
CA CYS A 300 3.85 -9.77 2.71
C CYS A 300 2.62 -9.48 1.87
N SER A 301 1.96 -10.53 1.40
CA SER A 301 0.75 -10.36 0.60
C SER A 301 -0.36 -9.96 1.57
N ALA A 302 -1.42 -9.37 1.04
CA ALA A 302 -2.54 -8.95 1.86
C ALA A 302 -2.21 -7.71 2.68
N THR A 303 -0.97 -7.24 2.55
CA THR A 303 -0.51 -6.07 3.27
C THR A 303 -1.49 -4.90 3.14
N SER A 304 -1.79 -4.51 1.90
CA SER A 304 -2.71 -3.41 1.64
C SER A 304 -4.06 -3.63 2.32
N ILE A 305 -4.55 -4.85 2.27
CA ILE A 305 -5.83 -5.17 2.90
C ILE A 305 -5.73 -4.99 4.41
N ILE A 306 -4.75 -5.66 5.01
CA ILE A 306 -4.58 -5.57 6.46
C ILE A 306 -4.48 -4.11 6.91
N ASN A 307 -3.63 -3.35 6.24
CA ASN A 307 -3.45 -1.95 6.57
C ASN A 307 -4.75 -1.18 6.39
N THR A 308 -5.48 -1.49 5.32
CA THR A 308 -6.75 -0.83 5.06
C THR A 308 -7.71 -1.12 6.21
N ILE A 309 -7.87 -2.40 6.55
CA ILE A 309 -8.74 -2.78 7.64
C ILE A 309 -8.35 -1.89 8.84
N LEU A 310 -7.08 -1.98 9.24
CA LEU A 310 -6.57 -1.18 10.36
C LEU A 310 -6.98 0.28 10.24
N ASN A 311 -6.58 0.91 9.13
CA ASN A 311 -6.89 2.31 8.88
C ASN A 311 -8.35 2.62 9.14
N ASN A 312 -9.23 1.69 8.76
CA ASN A 312 -10.66 1.87 8.98
C ASN A 312 -11.02 1.79 10.45
N ILE A 313 -10.44 0.83 11.17
CA ILE A 313 -10.73 0.68 12.60
C ILE A 313 -10.23 1.91 13.37
N TYR A 314 -9.07 2.42 12.97
CA TYR A 314 -8.49 3.58 13.65
C TYR A 314 -9.41 4.79 13.62
N VAL A 315 -10.05 5.00 12.48
CA VAL A 315 -10.96 6.13 12.31
C VAL A 315 -12.18 6.04 13.21
N LEU A 316 -12.68 4.83 13.41
CA LEU A 316 -13.85 4.61 14.25
C LEU A 316 -13.41 4.73 15.72
N TYR A 317 -12.32 4.05 16.05
CA TYR A 317 -11.75 4.08 17.39
C TYR A 317 -11.46 5.52 17.81
N ALA A 318 -10.67 6.24 17.02
CA ALA A 318 -10.30 7.61 17.33
C ALA A 318 -11.48 8.53 17.58
N LEU A 319 -12.49 8.45 16.70
CA LEU A 319 -13.67 9.29 16.83
C LEU A 319 -14.47 9.01 18.09
N ARG A 320 -14.73 7.73 18.35
CA ARG A 320 -15.48 7.34 19.54
C ARG A 320 -14.75 7.81 20.80
N ARG A 321 -13.42 7.83 20.75
CA ARG A 321 -12.59 8.24 21.87
C ARG A 321 -12.65 9.75 22.09
N HIS A 322 -13.48 10.43 21.30
CA HIS A 322 -13.63 11.88 21.42
C HIS A 322 -15.09 12.32 21.27
N TYR A 323 -15.88 11.56 20.51
CA TYR A 323 -17.27 11.92 20.31
C TYR A 323 -18.33 11.08 20.99
N GLU A 324 -19.55 11.61 20.95
CA GLU A 324 -20.72 10.99 21.54
C GLU A 324 -21.45 10.00 20.63
N GLY A 325 -21.45 8.73 21.03
CA GLY A 325 -22.13 7.68 20.30
C GLY A 325 -21.91 7.65 18.81
N VAL A 326 -20.64 7.66 18.40
CA VAL A 326 -20.28 7.65 16.99
C VAL A 326 -20.50 6.27 16.37
N GLU A 327 -21.17 6.24 15.23
CA GLU A 327 -21.46 4.99 14.53
C GLU A 327 -20.83 5.00 13.15
N LEU A 328 -20.74 3.83 12.55
CA LEU A 328 -20.15 3.69 11.21
C LEU A 328 -20.82 4.58 10.17
N ASP A 329 -22.09 4.88 10.38
CA ASP A 329 -22.81 5.73 9.43
C ASP A 329 -22.64 7.21 9.75
N THR A 330 -21.93 7.52 10.84
CA THR A 330 -21.69 8.91 11.23
C THR A 330 -20.87 9.55 10.12
N TYR A 331 -20.00 8.75 9.52
CA TYR A 331 -19.13 9.22 8.45
C TYR A 331 -19.04 8.14 7.39
N THR A 332 -18.15 8.39 6.43
CA THR A 332 -17.89 7.50 5.31
C THR A 332 -16.43 7.69 4.95
N MET A 333 -15.78 6.64 4.49
CA MET A 333 -14.37 6.76 4.12
C MET A 333 -14.00 5.63 3.19
N ILE A 334 -12.74 5.68 2.74
CA ILE A 334 -12.20 4.66 1.86
C ILE A 334 -10.70 4.84 1.88
N SER A 335 -10.00 3.76 2.19
CA SER A 335 -8.55 3.81 2.26
C SER A 335 -7.89 2.72 1.45
N TYR A 336 -6.64 2.98 1.08
CA TYR A 336 -5.82 2.04 0.33
C TYR A 336 -4.50 1.97 1.12
N GLY A 337 -4.35 0.94 1.95
CA GLY A 337 -3.15 0.82 2.74
C GLY A 337 -3.17 1.88 3.83
N ASP A 338 -2.48 3.00 3.59
CA ASP A 338 -2.46 4.10 4.54
C ASP A 338 -3.14 5.32 3.89
N ASP A 339 -3.15 5.36 2.57
CA ASP A 339 -3.78 6.49 1.87
C ASP A 339 -5.22 6.48 2.35
N ILE A 340 -5.75 7.66 2.71
CA ILE A 340 -7.12 7.71 3.20
C ILE A 340 -7.87 9.01 2.94
N VAL A 341 -9.19 8.87 2.80
CA VAL A 341 -10.10 9.97 2.56
C VAL A 341 -11.37 9.79 3.39
N VAL A 342 -11.62 10.71 4.31
CA VAL A 342 -12.80 10.62 5.17
C VAL A 342 -13.80 11.73 4.86
N ALA A 343 -15.07 11.43 5.06
CA ALA A 343 -16.14 12.38 4.82
C ALA A 343 -17.25 12.21 5.84
N SER A 344 -17.77 13.34 6.32
CA SER A 344 -18.83 13.34 7.31
C SER A 344 -19.56 14.68 7.26
N ASP A 345 -20.88 14.68 7.45
CA ASP A 345 -21.62 15.94 7.42
C ASP A 345 -21.44 16.69 8.73
N TYR A 346 -21.02 15.97 9.76
CA TYR A 346 -20.77 16.59 11.06
C TYR A 346 -19.43 17.27 10.88
N ASP A 347 -19.17 18.34 11.63
CA ASP A 347 -17.90 19.04 11.51
C ASP A 347 -16.92 18.53 12.55
N LEU A 348 -16.46 17.29 12.34
CA LEU A 348 -15.52 16.65 13.25
C LEU A 348 -14.21 17.44 13.32
N ASP A 349 -13.56 17.42 14.48
CA ASP A 349 -12.31 18.13 14.65
C ASP A 349 -11.11 17.18 14.67
N PHE A 350 -10.54 16.93 13.50
CA PHE A 350 -9.40 16.04 13.41
C PHE A 350 -8.18 16.56 14.13
N GLU A 351 -8.18 17.87 14.39
CA GLU A 351 -7.09 18.49 15.12
C GLU A 351 -7.08 18.01 16.55
N ALA A 352 -8.27 17.67 17.05
CA ALA A 352 -8.42 17.18 18.41
C ALA A 352 -8.29 15.66 18.45
N LEU A 353 -7.96 15.07 17.30
CA LEU A 353 -7.82 13.63 17.21
C LEU A 353 -6.39 13.13 17.24
N LYS A 354 -5.44 14.05 17.11
CA LYS A 354 -4.03 13.68 17.12
C LYS A 354 -3.70 12.74 18.29
N PRO A 355 -4.18 13.06 19.50
CA PRO A 355 -3.97 12.29 20.72
C PRO A 355 -4.57 10.89 20.65
N HIS A 356 -5.85 10.84 20.32
CA HIS A 356 -6.56 9.57 20.22
C HIS A 356 -5.91 8.65 19.19
N PHE A 357 -5.23 9.24 18.22
CA PHE A 357 -4.54 8.44 17.21
C PHE A 357 -3.19 8.08 17.80
N LYS A 358 -2.68 8.96 18.65
CA LYS A 358 -1.40 8.75 19.32
C LYS A 358 -1.49 7.57 20.29
N SER A 359 -2.67 7.36 20.87
CA SER A 359 -2.89 6.26 21.80
C SER A 359 -2.67 4.93 21.08
N LEU A 360 -2.77 4.98 19.75
CA LEU A 360 -2.56 3.81 18.91
C LEU A 360 -1.11 3.86 18.43
N GLY A 361 -0.53 5.06 18.47
CA GLY A 361 0.84 5.23 18.04
C GLY A 361 0.91 5.76 16.62
N GLN A 362 -0.14 6.48 16.22
CA GLN A 362 -0.22 7.05 14.89
C GLN A 362 -0.28 8.57 14.94
N THR A 363 0.71 9.21 14.31
CA THR A 363 0.77 10.66 14.27
C THR A 363 0.09 11.13 12.99
N ILE A 364 -1.11 11.69 13.13
CA ILE A 364 -1.85 12.17 12.00
C ILE A 364 -1.58 13.64 11.69
N THR A 365 -1.68 13.98 10.41
CA THR A 365 -1.44 15.33 9.93
C THR A 365 -2.17 15.51 8.59
N PRO A 366 -2.46 16.76 8.21
CA PRO A 366 -3.15 17.04 6.95
C PRO A 366 -2.24 16.88 5.73
N ALA A 367 -2.82 16.48 4.60
CA ALA A 367 -2.07 16.31 3.38
C ALA A 367 -1.47 17.65 2.96
N ASP A 368 -2.28 18.47 2.29
CA ASP A 368 -1.85 19.78 1.85
C ASP A 368 -1.12 20.45 3.01
N LYS A 369 0.20 20.43 2.94
CA LYS A 369 1.05 20.98 4.00
C LYS A 369 0.77 22.41 4.44
N SER A 370 -0.36 22.97 4.05
CA SER A 370 -0.69 24.34 4.42
C SER A 370 -1.08 24.48 5.89
N ASP A 371 -0.40 25.40 6.57
CA ASP A 371 -0.62 25.71 7.99
C ASP A 371 -0.91 24.48 8.85
N LYS A 372 -0.49 23.32 8.35
CA LYS A 372 -0.70 22.04 9.03
C LYS A 372 -1.82 22.03 10.06
N GLY A 373 -2.95 22.64 9.72
CA GLY A 373 -4.07 22.66 10.65
C GLY A 373 -5.27 21.99 10.02
N PHE A 374 -5.78 20.95 10.67
CA PHE A 374 -6.94 20.24 10.15
C PHE A 374 -8.13 21.17 10.03
N VAL A 375 -8.28 21.75 8.84
CA VAL A 375 -9.36 22.68 8.54
C VAL A 375 -10.62 21.96 8.08
N LEU A 376 -11.72 22.69 7.95
CA LEU A 376 -12.98 22.11 7.50
C LEU A 376 -13.41 22.70 6.17
N GLY A 377 -14.57 22.27 5.69
CA GLY A 377 -15.07 22.76 4.41
C GLY A 377 -14.56 21.97 3.23
N HIS A 378 -13.27 21.61 3.28
CA HIS A 378 -12.60 20.86 2.22
C HIS A 378 -13.51 19.93 1.44
N SER A 379 -13.37 19.93 0.12
CA SER A 379 -14.18 19.09 -0.75
C SER A 379 -13.37 18.12 -1.59
N ILE A 380 -14.09 17.21 -2.24
CA ILE A 380 -13.49 16.19 -3.09
C ILE A 380 -12.43 16.70 -4.07
N THR A 381 -12.47 17.98 -4.39
CA THR A 381 -11.50 18.55 -5.32
C THR A 381 -10.32 19.21 -4.61
N ASP A 382 -10.01 18.72 -3.42
CA ASP A 382 -8.89 19.25 -2.66
C ASP A 382 -7.96 18.11 -2.31
N VAL A 383 -8.58 17.01 -1.87
CA VAL A 383 -7.87 15.80 -1.48
C VAL A 383 -7.17 15.09 -2.63
N THR A 384 -6.20 14.26 -2.27
CA THR A 384 -5.41 13.50 -3.23
C THR A 384 -5.29 12.06 -2.78
N PHE A 385 -6.01 11.16 -3.45
CA PHE A 385 -5.99 9.74 -3.12
C PHE A 385 -5.15 9.00 -4.16
N LEU A 386 -4.30 8.10 -3.70
CA LEU A 386 -3.46 7.33 -4.61
C LEU A 386 -2.72 8.25 -5.57
N LYS A 387 -2.27 9.40 -5.05
CA LYS A 387 -1.53 10.37 -5.85
C LYS A 387 -2.33 10.90 -7.03
N ARG A 388 -3.63 10.66 -6.99
CA ARG A 388 -4.51 11.12 -8.06
C ARG A 388 -5.54 12.08 -7.50
N HIS A 389 -5.65 13.26 -8.12
CA HIS A 389 -6.61 14.25 -7.68
C HIS A 389 -7.94 13.99 -8.37
N PHE A 390 -9.04 14.42 -7.75
CA PHE A 390 -10.36 14.21 -8.34
C PHE A 390 -10.76 15.40 -9.21
N HIS A 391 -10.54 15.27 -10.51
CA HIS A 391 -10.89 16.33 -11.44
C HIS A 391 -12.13 16.08 -12.27
N MET A 392 -12.99 17.09 -12.31
CA MET A 392 -14.22 17.02 -13.08
C MET A 392 -13.81 17.11 -14.54
N ASP A 393 -14.22 16.14 -15.34
CA ASP A 393 -13.89 16.15 -16.76
C ASP A 393 -14.85 17.09 -17.47
N TYR A 394 -14.35 18.27 -17.80
CA TYR A 394 -15.16 19.29 -18.47
C TYR A 394 -15.67 18.87 -19.83
N GLY A 395 -15.49 17.60 -20.16
CA GLY A 395 -15.95 17.13 -21.45
C GLY A 395 -17.07 16.13 -21.34
N THR A 396 -17.09 15.37 -20.25
CA THR A 396 -18.12 14.35 -20.06
C THR A 396 -18.81 14.46 -18.69
N GLY A 397 -18.34 15.39 -17.87
CA GLY A 397 -18.93 15.58 -16.55
C GLY A 397 -18.48 14.52 -15.56
N PHE A 398 -17.77 13.51 -16.06
CA PHE A 398 -17.28 12.42 -15.21
C PHE A 398 -15.96 12.82 -14.60
N TYR A 399 -15.66 12.28 -13.42
CA TYR A 399 -14.41 12.58 -12.74
C TYR A 399 -13.28 11.80 -13.39
N LYS A 400 -12.07 12.35 -13.30
CA LYS A 400 -10.89 11.69 -13.86
C LYS A 400 -9.70 11.92 -12.93
N PRO A 401 -8.84 10.91 -12.74
CA PRO A 401 -7.66 11.00 -11.87
C PRO A 401 -6.52 11.76 -12.50
N VAL A 402 -6.13 12.86 -11.87
CA VAL A 402 -5.03 13.68 -12.38
C VAL A 402 -3.85 13.73 -11.41
N MET A 403 -2.67 13.34 -11.90
CA MET A 403 -1.47 13.37 -11.08
C MET A 403 -0.72 14.67 -11.35
N ALA A 404 -0.33 15.36 -10.29
CA ALA A 404 0.40 16.62 -10.41
C ALA A 404 1.45 16.49 -11.51
N SER A 405 1.39 17.39 -12.49
CA SER A 405 2.33 17.38 -13.60
C SER A 405 3.75 17.11 -13.14
N LYS A 406 4.19 17.82 -12.11
CA LYS A 406 5.53 17.64 -11.58
C LYS A 406 5.81 16.17 -11.32
N THR A 407 4.96 15.55 -10.51
CA THR A 407 5.09 14.14 -10.17
C THR A 407 5.15 13.24 -11.40
N LEU A 408 4.45 13.62 -12.45
CA LEU A 408 4.44 12.85 -13.68
C LEU A 408 5.78 12.98 -14.39
N GLU A 409 6.28 14.21 -14.48
CA GLU A 409 7.56 14.47 -15.12
C GLU A 409 8.65 13.62 -14.49
N ALA A 410 8.56 13.42 -13.18
CA ALA A 410 9.54 12.62 -12.44
C ALA A 410 9.57 11.18 -12.95
N ILE A 411 8.39 10.64 -13.24
CA ILE A 411 8.26 9.28 -13.75
C ILE A 411 8.89 9.15 -15.12
N LEU A 412 8.73 10.18 -15.93
CA LEU A 412 9.27 10.20 -17.29
C LEU A 412 10.74 10.54 -17.33
N SER A 413 11.28 11.05 -16.23
CA SER A 413 12.69 11.43 -16.18
C SER A 413 13.64 10.28 -15.85
N PHE A 414 13.11 9.19 -15.30
CA PHE A 414 13.95 8.05 -14.95
C PHE A 414 13.32 6.72 -15.34
N ALA A 415 14.02 5.95 -16.16
CA ALA A 415 13.56 4.65 -16.62
C ALA A 415 14.75 3.73 -16.86
N ARG A 416 14.64 2.48 -16.43
CA ARG A 416 15.73 1.52 -16.63
C ARG A 416 15.86 1.34 -18.14
N ARG A 417 17.09 1.24 -18.61
CA ARG A 417 17.40 1.11 -20.04
C ARG A 417 16.48 0.28 -20.94
N GLY A 418 16.01 0.92 -22.01
CA GLY A 418 15.16 0.24 -22.98
C GLY A 418 13.70 0.01 -22.69
N THR A 419 13.27 0.28 -21.47
CA THR A 419 11.88 0.08 -21.09
C THR A 419 11.03 1.27 -21.52
N ILE A 420 11.71 2.40 -21.72
CA ILE A 420 11.09 3.66 -22.12
C ILE A 420 9.82 3.49 -22.96
N GLN A 421 9.94 2.78 -24.07
CA GLN A 421 8.82 2.57 -24.98
C GLN A 421 7.56 1.97 -24.40
N GLU A 422 7.70 1.02 -23.48
CA GLU A 422 6.53 0.41 -22.90
C GLU A 422 6.01 1.25 -21.74
N LYS A 423 6.93 1.92 -21.06
CA LYS A 423 6.58 2.79 -19.95
C LYS A 423 5.88 4.02 -20.49
N LEU A 424 6.43 4.60 -21.55
CA LEU A 424 5.84 5.76 -22.18
C LEU A 424 4.38 5.54 -22.48
N ILE A 425 4.03 4.28 -22.71
CA ILE A 425 2.65 3.90 -23.01
C ILE A 425 1.89 3.82 -21.69
N SER A 426 2.41 3.03 -20.76
CA SER A 426 1.80 2.88 -19.45
C SER A 426 1.58 4.26 -18.85
N VAL A 427 2.67 4.99 -18.67
CA VAL A 427 2.64 6.33 -18.11
C VAL A 427 1.72 7.25 -18.89
N ALA A 428 1.67 7.06 -20.21
CA ALA A 428 0.81 7.88 -21.06
C ALA A 428 -0.64 7.76 -20.60
N GLY A 429 -1.01 6.56 -20.16
CA GLY A 429 -2.37 6.34 -19.70
C GLY A 429 -2.69 7.25 -18.52
N LEU A 430 -1.73 7.39 -17.62
CA LEU A 430 -1.88 8.22 -16.43
C LEU A 430 -1.98 9.72 -16.76
N ALA A 431 -1.19 10.15 -17.74
CA ALA A 431 -1.13 11.56 -18.12
C ALA A 431 -2.22 12.14 -19.02
N VAL A 432 -3.05 11.30 -19.62
CA VAL A 432 -4.10 11.79 -20.50
C VAL A 432 -5.07 12.73 -19.80
N HIS A 433 -5.22 12.58 -18.49
CA HIS A 433 -6.14 13.40 -17.71
C HIS A 433 -5.61 14.78 -17.36
N SER A 434 -4.35 15.04 -17.71
CA SER A 434 -3.75 16.33 -17.44
C SER A 434 -4.13 17.32 -18.53
N GLY A 435 -5.00 16.89 -19.43
CA GLY A 435 -5.41 17.75 -20.52
C GLY A 435 -4.63 17.41 -21.77
N PRO A 436 -4.93 18.09 -22.89
CA PRO A 436 -4.26 17.86 -24.17
C PRO A 436 -2.92 18.60 -24.23
N ASP A 437 -2.92 19.80 -23.65
CA ASP A 437 -1.72 20.64 -23.64
C ASP A 437 -0.61 20.08 -22.78
N GLU A 438 -0.94 19.67 -21.56
CA GLU A 438 0.06 19.12 -20.66
C GLU A 438 0.47 17.73 -21.13
N TYR A 439 -0.41 17.09 -21.89
CA TYR A 439 -0.11 15.76 -22.43
C TYR A 439 1.01 15.92 -23.44
N ARG A 440 0.78 16.82 -24.39
CA ARG A 440 1.73 17.14 -25.46
C ARG A 440 3.06 17.54 -24.82
N ARG A 441 3.01 18.49 -23.90
CA ARG A 441 4.21 18.99 -23.23
C ARG A 441 5.00 17.92 -22.49
N LEU A 442 4.30 17.05 -21.76
CA LEU A 442 4.97 15.99 -21.01
C LEU A 442 5.69 14.97 -21.90
N PHE A 443 5.26 14.89 -23.15
CA PHE A 443 5.88 13.96 -24.09
C PHE A 443 6.59 14.66 -25.23
N GLU A 444 6.34 15.96 -25.37
CA GLU A 444 6.95 16.77 -26.42
C GLU A 444 8.39 16.38 -26.75
N PRO A 445 9.27 16.24 -25.73
CA PRO A 445 10.67 15.88 -25.95
C PRO A 445 10.91 14.39 -26.22
N PHE A 446 10.02 13.77 -26.99
CA PHE A 446 10.16 12.35 -27.29
C PHE A 446 9.92 12.05 -28.77
N GLN A 447 9.21 12.95 -29.45
CA GLN A 447 8.90 12.78 -30.87
C GLN A 447 10.11 12.36 -31.69
N GLY A 448 9.87 11.61 -32.76
CA GLY A 448 10.94 11.16 -33.63
C GLY A 448 11.86 10.15 -32.97
N LEU A 449 11.62 9.87 -31.69
CA LEU A 449 12.43 8.93 -30.94
C LEU A 449 11.59 7.76 -30.45
N PHE A 450 10.28 7.99 -30.32
CA PHE A 450 9.38 6.96 -29.83
C PHE A 450 7.96 7.10 -30.37
N GLU A 451 7.12 6.13 -30.00
CA GLU A 451 5.72 6.10 -30.41
C GLU A 451 4.86 6.74 -29.33
N ILE A 452 4.37 7.95 -29.58
CA ILE A 452 3.53 8.66 -28.62
C ILE A 452 2.05 8.51 -28.94
N PRO A 453 1.30 7.81 -28.07
CA PRO A 453 -0.14 7.60 -28.28
C PRO A 453 -0.88 8.93 -28.44
N SER A 454 -1.63 9.06 -29.54
CA SER A 454 -2.38 10.28 -29.78
C SER A 454 -3.32 10.54 -28.60
N TYR A 455 -3.45 11.82 -28.24
CA TYR A 455 -4.30 12.22 -27.13
C TYR A 455 -5.71 11.67 -27.31
N ARG A 456 -6.15 11.64 -28.57
CA ARG A 456 -7.46 11.15 -28.95
C ARG A 456 -7.50 9.64 -28.69
N SER A 457 -6.51 8.94 -29.23
CA SER A 457 -6.38 7.49 -29.06
C SER A 457 -6.69 7.00 -27.64
N LEU A 458 -6.30 7.77 -26.64
CA LEU A 458 -6.51 7.40 -25.25
C LEU A 458 -7.80 7.93 -24.63
N TYR A 459 -8.12 9.19 -24.91
CA TYR A 459 -9.34 9.77 -24.35
C TYR A 459 -10.50 8.84 -24.65
N LEU A 460 -10.62 8.43 -25.91
CA LEU A 460 -11.70 7.55 -26.36
C LEU A 460 -11.71 6.19 -25.68
N ARG A 461 -10.53 5.68 -25.37
CA ARG A 461 -10.39 4.38 -24.70
C ARG A 461 -10.84 4.47 -23.25
N TRP A 462 -10.57 5.61 -22.63
CA TRP A 462 -10.96 5.87 -21.25
C TRP A 462 -12.46 6.05 -21.20
N VAL A 463 -12.98 6.77 -22.20
CA VAL A 463 -14.42 7.03 -22.27
C VAL A 463 -15.23 5.74 -22.30
N ASN A 464 -14.73 4.75 -23.03
CA ASN A 464 -15.41 3.46 -23.12
C ASN A 464 -14.92 2.56 -21.99
N ALA A 465 -14.89 3.11 -20.79
CA ALA A 465 -14.45 2.38 -19.62
C ALA A 465 -15.20 2.94 -18.43
N VAL A 466 -15.32 4.26 -18.42
CA VAL A 466 -16.04 4.96 -17.36
C VAL A 466 -17.52 4.76 -17.62
N CYS A 467 -17.86 4.61 -18.91
CA CYS A 467 -19.24 4.39 -19.31
C CYS A 467 -19.26 4.01 -20.78
N GLY A 468 -19.27 2.71 -21.03
CA GLY A 468 -19.28 2.21 -22.40
C GLY A 468 -20.39 2.79 -23.25
N ASP A 469 -21.56 3.00 -22.65
CA ASP A 469 -22.69 3.53 -23.39
C ASP A 469 -22.46 5.00 -23.73
N ALA A 470 -21.88 5.73 -22.78
CA ALA A 470 -21.59 7.15 -22.97
C ALA A 470 -20.76 7.40 -24.23
N ALA A 471 -20.06 6.37 -24.69
CA ALA A 471 -19.24 6.49 -25.89
C ALA A 471 -20.13 6.40 -27.12
N ALA A 472 -21.03 5.43 -27.11
CA ALA A 472 -21.96 5.22 -28.21
C ALA A 472 -23.05 6.29 -28.25
N LEU A 473 -23.69 6.51 -27.10
CA LEU A 473 -24.77 7.50 -27.01
C LEU A 473 -24.29 8.89 -27.46
N GLU A 474 -22.99 9.04 -27.63
CA GLU A 474 -22.41 10.31 -28.04
C GLU A 474 -21.74 10.20 -29.40
N GLY B 1 8.69 18.71 4.86
CA GLY B 1 7.64 17.73 4.66
C GLY B 1 7.85 16.45 5.47
N PRO B 2 6.96 15.45 5.35
CA PRO B 2 7.10 14.19 6.08
C PRO B 2 7.76 13.13 5.21
N TYR B 3 7.84 11.91 5.72
CA TYR B 3 8.42 10.78 5.01
C TYR B 3 7.57 10.50 3.77
N ALA B 4 6.27 10.82 3.87
CA ALA B 4 5.33 10.61 2.77
C ALA B 4 5.75 11.38 1.53
N GLY B 5 6.23 10.65 0.53
CA GLY B 5 6.68 11.27 -0.70
C GLY B 5 5.58 11.27 -1.76
N PRO B 6 5.79 11.98 -2.87
CA PRO B 6 4.78 12.04 -3.92
C PRO B 6 4.99 11.12 -5.13
N LEU B 7 6.23 10.68 -5.36
CA LEU B 7 6.47 9.81 -6.51
C LEU B 7 6.96 8.39 -6.22
N GLU B 8 6.01 7.48 -6.02
CA GLU B 8 6.29 6.08 -5.75
C GLU B 8 5.32 5.10 -6.43
N ARG B 9 4.55 4.37 -5.62
CA ARG B 9 3.61 3.38 -6.12
C ARG B 9 2.19 3.82 -6.47
N GLN B 10 1.35 2.81 -6.70
CA GLN B 10 -0.05 3.00 -7.02
C GLN B 10 -0.55 1.60 -7.35
N ARG B 11 -1.32 1.01 -6.44
CA ARG B 11 -1.83 -0.32 -6.69
C ARG B 11 -0.60 -1.24 -6.75
N PRO B 12 -0.83 -2.55 -6.91
CA PRO B 12 0.30 -3.47 -6.98
C PRO B 12 0.69 -3.38 -8.45
N LEU B 13 -0.08 -4.05 -9.30
CA LEU B 13 0.12 -4.00 -10.74
C LEU B 13 -1.28 -4.04 -11.36
N LYS B 14 -1.42 -4.67 -12.52
CA LYS B 14 -2.73 -4.69 -13.18
C LYS B 14 -3.80 -5.59 -12.58
N VAL B 15 -5.05 -5.13 -12.69
CA VAL B 15 -6.20 -5.86 -12.19
C VAL B 15 -6.52 -6.99 -13.15
#